data_4F6X
#
_entry.id   4F6X
#
_cell.length_a   80.194
_cell.length_b   80.194
_cell.length_c   91.333
_cell.angle_alpha   90.00
_cell.angle_beta   90.00
_cell.angle_gamma   120.00
#
_symmetry.space_group_name_H-M   'P 32 2 1'
#
loop_
_entity.id
_entity.type
_entity.pdbx_description
1 polymer 'Dehydrosqualene synthase'
2 non-polymer '1-[3-(hexyloxy)benzyl]-4-hydroxy-2-oxo-1,2-dihydropyridine-3-carboxylic acid'
3 non-polymer 'MAGNESIUM ION'
4 non-polymer 'D(-)-TARTARIC ACID'
5 water water
#
_entity_poly.entity_id   1
_entity_poly.type   'polypeptide(L)'
_entity_poly.pdbx_seq_one_letter_code
;AAAAAMTMMDMNFKYCHKIMKKHSKSFSYAFDLLPEDQRKAVWAIYAVCRKIDDSIDVYGDIQFLNQIKEDIQSIEKYPY
EYHHFQSDRRIMMALQHVAQHKNIAFQSFYNLIDTVYKDQHFTMFETDAELFGYCYGVAGTVGEVLTPILSDHETHQTYD
VARRLGESLQLINILRDVGEDFENERIYFSKQRLKQYEVDIAEVYQNGVNNHYIDLWEYYAAIAEKDFRDVMDQIKVFSI
EAQPIIELAARIYIEILDEVRQANYTLHERVFVEKRKKAKLFHEINSKYHRI
;
_entity_poly.pdbx_strand_id   A
#
loop_
_chem_comp.id
_chem_comp.type
_chem_comp.name
_chem_comp.formula
MG non-polymer 'MAGNESIUM ION' 'Mg 2'
TAR non-polymer 'D(-)-TARTARIC ACID' 'C4 H6 O6'
ZYL non-polymer '1-[3-(hexyloxy)benzyl]-4-hydroxy-2-oxo-1,2-dihydropyridine-3-carboxylic acid' 'C19 H23 N O5'
#
# COMPACT_ATOMS: atom_id res chain seq x y z
N MET A 6 26.26 5.89 13.92
CA MET A 6 24.86 6.29 13.84
C MET A 6 24.21 6.51 15.20
N THR A 7 23.31 7.49 15.26
CA THR A 7 22.62 7.85 16.50
C THR A 7 21.52 6.84 16.83
N MET A 8 21.02 6.89 18.06
CA MET A 8 19.90 6.05 18.46
C MET A 8 18.71 6.17 17.49
N MET A 9 18.33 7.40 17.17
CA MET A 9 17.23 7.61 16.26
C MET A 9 17.49 7.01 14.87
N ASP A 10 18.74 7.12 14.39
CA ASP A 10 19.16 6.52 13.14
C ASP A 10 18.85 5.03 13.13
N MET A 11 19.09 4.39 14.28
CA MET A 11 18.82 2.97 14.42
C MET A 11 17.33 2.70 14.29
N ASN A 12 16.51 3.56 14.90
CA ASN A 12 15.05 3.45 14.77
C ASN A 12 14.60 3.52 13.32
N PHE A 13 15.14 4.48 12.58
CA PHE A 13 14.78 4.61 11.17
C PHE A 13 15.28 3.43 10.37
N LYS A 14 16.46 2.90 10.73
CA LYS A 14 17.02 1.77 9.99
C LYS A 14 16.13 0.54 10.14
N TYR A 15 15.64 0.32 11.36
CA TYR A 15 14.67 -0.74 11.59
C TYR A 15 13.38 -0.52 10.77
N CYS A 16 12.89 0.72 10.69
CA CYS A 16 11.72 1.00 9.85
C CYS A 16 12.01 0.65 8.39
N HIS A 17 13.22 0.97 7.92
CA HIS A 17 13.65 0.63 6.58
C HIS A 17 13.58 -0.89 6.35
N LYS A 18 14.09 -1.64 7.31
CA LYS A 18 14.15 -3.11 7.24
C LYS A 18 12.76 -3.71 7.10
N ILE A 19 11.79 -3.15 7.80
CA ILE A 19 10.44 -3.69 7.72
C ILE A 19 9.84 -3.42 6.33
N MET A 20 10.14 -2.24 5.79
CA MET A 20 9.61 -1.84 4.50
C MET A 20 10.16 -2.72 3.40
N LYS A 21 11.47 -2.91 3.43
CA LYS A 21 12.16 -3.65 2.38
C LYS A 21 11.81 -5.15 2.46
N LYS A 22 11.54 -5.64 3.66
CA LYS A 22 11.14 -7.03 3.86
C LYS A 22 9.74 -7.27 3.27
N HIS A 23 8.87 -6.27 3.43
CA HIS A 23 7.53 -6.39 2.92
C HIS A 23 7.42 -6.10 1.43
N SER A 24 8.19 -5.13 0.95
CA SER A 24 8.06 -4.70 -0.45
C SER A 24 9.36 -4.22 -1.11
N LYS A 25 9.92 -5.06 -1.97
CA LYS A 25 11.13 -4.68 -2.71
C LYS A 25 10.80 -3.57 -3.70
N SER A 26 9.59 -3.59 -4.23
CA SER A 26 9.20 -2.60 -5.20
C SER A 26 9.22 -1.22 -4.55
N PHE A 27 8.51 -1.07 -3.44
CA PHE A 27 8.38 0.25 -2.83
C PHE A 27 9.69 0.69 -2.22
N SER A 28 10.42 -0.24 -1.62
CA SER A 28 11.73 0.12 -1.11
C SER A 28 12.65 0.54 -2.27
N TYR A 29 12.65 -0.25 -3.34
CA TYR A 29 13.47 0.12 -4.50
C TYR A 29 13.24 1.59 -4.87
N ALA A 30 11.98 1.95 -5.06
CA ALA A 30 11.63 3.30 -5.52
C ALA A 30 11.92 4.37 -4.48
N PHE A 31 11.42 4.16 -3.26
CA PHE A 31 11.41 5.23 -2.25
C PHE A 31 12.75 5.49 -1.58
N ASP A 32 13.62 4.50 -1.58
CA ASP A 32 14.99 4.72 -1.09
C ASP A 32 15.76 5.68 -1.99
N LEU A 33 15.18 6.05 -3.12
CA LEU A 33 15.80 7.00 -4.05
C LEU A 33 15.55 8.43 -3.61
N LEU A 34 14.60 8.62 -2.70
CA LEU A 34 14.25 9.94 -2.21
C LEU A 34 15.38 10.53 -1.39
N PRO A 35 15.42 11.87 -1.28
CA PRO A 35 16.37 12.49 -0.38
C PRO A 35 16.20 11.92 1.03
N GLU A 36 17.26 11.96 1.82
CA GLU A 36 17.34 11.33 3.13
C GLU A 36 16.12 11.56 4.03
N ASP A 37 15.85 12.83 4.30
CA ASP A 37 14.74 13.24 5.16
C ASP A 37 13.38 12.66 4.76
N GLN A 38 13.03 12.78 3.49
CA GLN A 38 11.75 12.27 2.99
C GLN A 38 11.75 10.74 2.96
N ARG A 39 12.86 10.18 2.52
CA ARG A 39 13.09 8.74 2.58
C ARG A 39 12.78 8.16 3.97
N LYS A 40 13.36 8.78 5.00
CA LYS A 40 13.21 8.26 6.35
C LYS A 40 11.77 8.40 6.82
N ALA A 41 11.12 9.50 6.46
CA ALA A 41 9.73 9.67 6.85
C ALA A 41 8.86 8.58 6.23
N VAL A 42 9.10 8.25 4.97
CA VAL A 42 8.34 7.18 4.32
C VAL A 42 8.57 5.83 5.00
N TRP A 43 9.83 5.57 5.38
CA TRP A 43 10.13 4.33 6.09
C TRP A 43 9.29 4.21 7.34
N ALA A 44 9.22 5.28 8.12
CA ALA A 44 8.54 5.22 9.41
C ALA A 44 7.04 5.04 9.21
N ILE A 45 6.46 5.84 8.34
CA ILE A 45 5.02 5.75 8.09
C ILE A 45 4.67 4.39 7.54
N TYR A 46 5.47 3.94 6.57
CA TYR A 46 5.27 2.63 5.98
C TYR A 46 5.41 1.53 7.04
N ALA A 47 6.44 1.63 7.88
CA ALA A 47 6.64 0.60 8.91
C ALA A 47 5.47 0.54 9.90
N VAL A 48 4.97 1.70 10.30
CA VAL A 48 3.82 1.74 11.19
C VAL A 48 2.61 1.06 10.53
N CYS A 49 2.39 1.36 9.26
CA CYS A 49 1.26 0.79 8.54
C CYS A 49 1.41 -0.72 8.40
N ARG A 50 2.64 -1.21 8.24
CA ARG A 50 2.89 -2.64 8.19
C ARG A 50 2.61 -3.31 9.53
N LYS A 51 3.09 -2.71 10.62
CA LYS A 51 2.88 -3.25 11.95
C LYS A 51 1.40 -3.37 12.24
N ILE A 52 0.65 -2.38 11.77
CA ILE A 52 -0.79 -2.36 11.92
C ILE A 52 -1.41 -3.49 11.09
N ASP A 53 -1.05 -3.56 9.82
CA ASP A 53 -1.60 -4.56 8.91
CA ASP A 53 -1.64 -4.55 8.93
C ASP A 53 -1.38 -5.98 9.42
N ASP A 54 -0.21 -6.23 9.97
CA ASP A 54 0.18 -7.57 10.41
C ASP A 54 -0.30 -7.93 11.82
N SER A 55 -0.65 -6.93 12.63
CA SER A 55 -0.82 -7.11 14.08
C SER A 55 -1.64 -8.34 14.53
N ILE A 56 -2.85 -8.50 13.99
CA ILE A 56 -3.73 -9.56 14.44
C ILE A 56 -3.14 -10.97 14.22
N ASP A 57 -2.04 -11.04 13.47
CA ASP A 57 -1.47 -12.33 13.07
C ASP A 57 0.01 -12.42 13.39
N ASP A 61 -4.28 -11.65 18.36
CA ASP A 61 -5.44 -10.97 18.92
C ASP A 61 -5.32 -9.47 18.68
N ILE A 62 -6.17 -8.68 19.32
CA ILE A 62 -6.17 -7.25 19.07
C ILE A 62 -5.25 -6.47 19.99
N GLN A 63 -4.61 -7.14 20.94
CA GLN A 63 -3.86 -6.44 21.98
C GLN A 63 -2.80 -5.49 21.43
N PHE A 64 -1.89 -6.03 20.63
CA PHE A 64 -0.85 -5.22 20.04
C PHE A 64 -1.43 -4.08 19.18
N LEU A 65 -2.49 -4.37 18.45
CA LEU A 65 -3.11 -3.34 17.63
C LEU A 65 -3.71 -2.23 18.50
N ASN A 66 -4.34 -2.59 19.62
CA ASN A 66 -4.80 -1.58 20.57
C ASN A 66 -3.63 -0.72 21.04
N GLN A 67 -2.50 -1.35 21.30
CA GLN A 67 -1.32 -0.62 21.75
C GLN A 67 -0.76 0.32 20.67
N ILE A 68 -0.76 -0.13 19.43
CA ILE A 68 -0.32 0.73 18.35
C ILE A 68 -1.23 1.94 18.28
N LYS A 69 -2.53 1.69 18.36
CA LYS A 69 -3.47 2.79 18.28
C LYS A 69 -3.25 3.76 19.43
N GLU A 70 -3.02 3.23 20.63
CA GLU A 70 -2.75 4.11 21.78
C GLU A 70 -1.45 4.91 21.65
N ASP A 71 -0.42 4.29 21.09
CA ASP A 71 0.82 5.00 20.85
C ASP A 71 0.62 6.17 19.89
N ILE A 72 -0.09 5.90 18.79
CA ILE A 72 -0.38 6.93 17.79
C ILE A 72 -1.16 8.09 18.39
N GLN A 73 -2.13 7.76 19.23
CA GLN A 73 -2.88 8.78 19.95
C GLN A 73 -2.01 9.63 20.89
N SER A 74 -1.05 9.01 21.56
CA SER A 74 -0.15 9.76 22.46
C SER A 74 0.64 10.81 21.67
N ILE A 75 1.11 10.42 20.49
CA ILE A 75 1.90 11.27 19.62
C ILE A 75 1.05 12.40 19.06
N GLU A 76 -0.19 12.09 18.70
CA GLU A 76 -1.09 13.12 18.22
C GLU A 76 -1.39 14.14 19.33
N LYS A 77 -1.67 13.66 20.54
CA LYS A 77 -2.00 14.55 21.65
C LYS A 77 -0.77 15.31 22.16
N TYR A 78 0.33 14.59 22.34
CA TYR A 78 1.56 15.18 22.88
C TYR A 78 2.78 14.88 22.02
N PRO A 79 2.85 15.50 20.84
CA PRO A 79 3.98 15.25 19.93
C PRO A 79 5.37 15.49 20.55
N TYR A 80 5.48 16.44 21.47
CA TYR A 80 6.78 16.80 22.01
C TYR A 80 7.08 16.21 23.40
N GLU A 81 6.21 15.35 23.91
CA GLU A 81 6.47 14.71 25.20
C GLU A 81 7.17 13.37 25.00
N TYR A 82 7.93 12.93 25.99
CA TYR A 82 8.50 11.60 25.94
C TYR A 82 7.47 10.56 26.36
N HIS A 83 7.30 9.54 25.52
CA HIS A 83 6.31 8.50 25.80
C HIS A 83 7.03 7.19 25.94
N HIS A 84 6.55 6.38 26.86
CA HIS A 84 6.97 5.00 26.95
C HIS A 84 5.99 4.19 26.11
N PHE A 85 6.34 4.01 24.85
CA PHE A 85 5.44 3.38 23.89
C PHE A 85 5.12 1.94 24.26
N GLN A 86 3.84 1.60 24.17
CA GLN A 86 3.35 0.27 24.49
C GLN A 86 3.63 -0.76 23.41
N SER A 87 3.63 -0.34 22.14
CA SER A 87 3.75 -1.30 21.04
C SER A 87 5.20 -1.55 20.61
N ASP A 88 5.65 -0.92 19.52
CA ASP A 88 7.05 -1.05 19.08
C ASP A 88 7.75 0.29 19.23
N ARG A 89 8.68 0.38 20.18
CA ARG A 89 9.34 1.64 20.50
C ARG A 89 10.06 2.23 19.29
N ARG A 90 10.81 1.41 18.58
CA ARG A 90 11.64 1.90 17.49
C ARG A 90 10.82 2.59 16.41
N ILE A 91 9.69 1.99 16.09
CA ILE A 91 8.84 2.51 15.06
C ILE A 91 8.12 3.76 15.54
N MET A 92 7.53 3.70 16.73
CA MET A 92 6.87 4.87 17.31
C MET A 92 7.82 6.04 17.56
N MET A 93 9.06 5.76 17.96
CA MET A 93 9.99 6.86 18.14
C MET A 93 10.27 7.56 16.81
N ALA A 94 10.41 6.78 15.75
CA ALA A 94 10.58 7.35 14.41
C ALA A 94 9.33 8.11 13.97
N LEU A 95 8.15 7.53 14.19
CA LEU A 95 6.93 8.24 13.78
C LEU A 95 6.82 9.56 14.53
N GLN A 96 7.12 9.53 15.83
CA GLN A 96 7.07 10.77 16.60
C GLN A 96 8.01 11.82 16.02
N HIS A 97 9.19 11.39 15.62
CA HIS A 97 10.17 12.29 15.04
C HIS A 97 9.61 12.89 13.76
N VAL A 98 8.98 12.07 12.92
CA VAL A 98 8.38 12.57 11.71
C VAL A 98 7.27 13.59 12.01
N ALA A 99 6.41 13.24 12.96
CA ALA A 99 5.27 14.08 13.33
C ALA A 99 5.67 15.44 13.91
N GLN A 100 6.87 15.51 14.47
CA GLN A 100 7.38 16.78 14.97
C GLN A 100 7.77 17.72 13.83
N HIS A 101 7.95 17.17 12.62
CA HIS A 101 8.39 17.98 11.47
C HIS A 101 7.36 18.06 10.34
N LYS A 102 6.38 17.17 10.35
CA LYS A 102 5.38 17.12 9.30
C LYS A 102 3.96 16.95 9.84
N ASN A 103 3.00 17.41 9.06
CA ASN A 103 1.59 17.29 9.42
C ASN A 103 1.11 15.87 9.08
N ILE A 104 1.07 14.99 10.07
CA ILE A 104 0.60 13.63 9.84
C ILE A 104 -0.92 13.56 9.94
N ALA A 105 -1.57 12.92 8.98
CA ALA A 105 -3.02 12.81 9.01
C ALA A 105 -3.43 11.66 9.90
N PHE A 106 -3.54 11.96 11.20
CA PHE A 106 -3.75 10.90 12.17
C PHE A 106 -5.07 10.16 11.93
N GLN A 107 -6.11 10.85 11.50
CA GLN A 107 -7.38 10.17 11.26
C GLN A 107 -7.21 9.08 10.21
N SER A 108 -6.25 9.28 9.31
CA SER A 108 -5.97 8.27 8.29
C SER A 108 -5.41 7.00 8.89
N PHE A 109 -4.52 7.11 9.88
CA PHE A 109 -4.08 5.94 10.65
C PHE A 109 -5.25 5.25 11.34
N TYR A 110 -6.18 6.03 11.88
CA TYR A 110 -7.30 5.43 12.59
C TYR A 110 -8.26 4.72 11.63
N ASN A 111 -8.38 5.24 10.41
CA ASN A 111 -9.21 4.59 9.41
C ASN A 111 -8.62 3.23 9.01
N LEU A 112 -7.31 3.21 8.83
CA LEU A 112 -6.57 1.98 8.59
C LEU A 112 -6.71 0.98 9.72
N ILE A 113 -6.50 1.45 10.95
CA ILE A 113 -6.71 0.59 12.11
C ILE A 113 -8.13 0.00 12.15
N ASP A 114 -9.14 0.83 11.99
CA ASP A 114 -10.53 0.37 12.00
C ASP A 114 -10.79 -0.71 10.93
N THR A 115 -10.17 -0.55 9.78
CA THR A 115 -10.32 -1.49 8.69
C THR A 115 -9.69 -2.82 9.06
N VAL A 116 -8.53 -2.73 9.71
CA VAL A 116 -7.83 -3.92 10.15
C VAL A 116 -8.64 -4.64 11.23
N TYR A 117 -9.19 -3.90 12.20
CA TYR A 117 -10.13 -4.51 13.15
C TYR A 117 -11.23 -5.29 12.40
N LYS A 118 -11.73 -4.71 11.31
CA LYS A 118 -12.85 -5.30 10.58
C LYS A 118 -12.47 -6.56 9.84
N ASP A 119 -11.22 -6.64 9.41
CA ASP A 119 -10.78 -7.75 8.57
C ASP A 119 -10.83 -9.06 9.35
N GLN A 120 -10.74 -8.98 10.67
CA GLN A 120 -10.88 -10.15 11.52
C GLN A 120 -12.05 -10.99 11.03
N HIS A 121 -13.25 -10.49 11.30
CA HIS A 121 -14.48 -11.12 10.82
C HIS A 121 -14.69 -10.77 9.35
N PHE A 122 -13.70 -11.10 8.53
CA PHE A 122 -13.79 -10.86 7.11
C PHE A 122 -15.02 -11.57 6.55
N THR A 123 -15.84 -10.80 5.86
CA THR A 123 -16.88 -11.38 5.03
C THR A 123 -16.63 -10.80 3.66
N MET A 124 -16.87 -11.61 2.62
CA MET A 124 -16.64 -11.15 1.27
C MET A 124 -17.40 -9.87 1.03
N PHE A 125 -16.98 -9.11 0.02
CA PHE A 125 -17.62 -7.86 -0.35
C PHE A 125 -18.80 -8.09 -1.30
N GLU A 126 -19.95 -7.53 -0.94
CA GLU A 126 -21.16 -7.73 -1.72
C GLU A 126 -21.03 -7.09 -3.08
N THR A 127 -20.61 -5.83 -3.10
CA THR A 127 -20.50 -5.10 -4.35
C THR A 127 -19.08 -4.55 -4.48
N ASP A 128 -18.75 -4.03 -5.65
CA ASP A 128 -17.46 -3.38 -5.83
C ASP A 128 -17.29 -2.14 -4.95
N ALA A 129 -18.38 -1.47 -4.64
CA ALA A 129 -18.34 -0.33 -3.75
C ALA A 129 -17.69 -0.71 -2.43
N GLU A 130 -18.03 -1.90 -1.94
CA GLU A 130 -17.50 -2.37 -0.68
C GLU A 130 -16.02 -2.72 -0.82
N LEU A 131 -15.67 -3.32 -1.96
CA LEU A 131 -14.26 -3.61 -2.25
C LEU A 131 -13.42 -2.34 -2.31
N PHE A 132 -13.89 -1.35 -3.07
CA PHE A 132 -13.20 -0.08 -3.18
C PHE A 132 -13.10 0.67 -1.84
N GLY A 133 -14.13 0.55 -1.00
CA GLY A 133 -14.08 1.07 0.35
C GLY A 133 -13.01 0.41 1.21
N TYR A 134 -12.83 -0.89 1.01
CA TYR A 134 -11.72 -1.62 1.59
C TYR A 134 -10.37 -1.10 1.08
N CYS A 135 -10.26 -0.94 -0.23
CA CYS A 135 -9.04 -0.40 -0.81
C CYS A 135 -8.68 0.96 -0.24
N TYR A 136 -9.69 1.81 -0.04
CA TYR A 136 -9.40 3.07 0.64
C TYR A 136 -8.88 2.82 2.06
N GLY A 137 -9.55 1.93 2.78
CA GLY A 137 -9.22 1.70 4.17
C GLY A 137 -7.80 1.20 4.39
N VAL A 138 -7.35 0.26 3.57
CA VAL A 138 -6.03 -0.30 3.81
C VAL A 138 -4.91 0.38 3.04
N ALA A 139 -5.25 1.21 2.06
CA ALA A 139 -4.24 1.68 1.14
C ALA A 139 -4.39 3.13 0.73
N GLY A 140 -5.63 3.58 0.54
CA GLY A 140 -5.86 4.99 0.29
C GLY A 140 -5.41 5.81 1.50
N THR A 141 -5.66 5.26 2.68
CA THR A 141 -5.28 5.90 3.94
C THR A 141 -3.76 6.08 3.97
N VAL A 142 -3.03 5.12 3.42
CA VAL A 142 -1.58 5.21 3.42
C VAL A 142 -1.09 6.30 2.48
N GLY A 143 -1.73 6.40 1.32
CA GLY A 143 -1.49 7.53 0.43
C GLY A 143 -1.71 8.84 1.17
N GLU A 144 -2.82 8.93 1.92
CA GLU A 144 -3.16 10.15 2.64
C GLU A 144 -2.06 10.50 3.65
N VAL A 145 -1.59 9.51 4.40
CA VAL A 145 -0.55 9.79 5.40
C VAL A 145 0.75 10.23 4.72
N LEU A 146 1.06 9.64 3.58
CA LEU A 146 2.31 9.96 2.88
C LEU A 146 2.29 11.31 2.19
N THR A 147 1.10 11.85 2.00
CA THR A 147 0.92 13.09 1.24
C THR A 147 1.82 14.26 1.67
N PRO A 148 1.80 14.64 2.97
CA PRO A 148 2.66 15.77 3.39
C PRO A 148 4.15 15.49 3.19
N ILE A 149 4.56 14.24 3.18
CA ILE A 149 5.97 13.92 2.96
C ILE A 149 6.36 14.17 1.50
N LEU A 150 5.43 13.97 0.58
CA LEU A 150 5.81 13.89 -0.82
C LEU A 150 5.31 15.07 -1.64
N SER A 151 4.86 16.11 -0.97
CA SER A 151 4.39 17.30 -1.65
C SER A 151 4.69 18.49 -0.77
N ASP A 152 4.82 19.66 -1.35
CA ASP A 152 5.24 20.83 -0.60
C ASP A 152 4.04 21.58 -0.01
N HIS A 153 3.06 21.84 -0.86
CA HIS A 153 1.84 22.49 -0.42
C HIS A 153 0.66 21.59 -0.74
N GLU A 154 0.18 20.89 0.28
CA GLU A 154 -0.85 19.88 0.08
C GLU A 154 -2.24 20.50 0.10
N THR A 155 -3.05 20.09 -0.85
CA THR A 155 -4.42 20.54 -0.89
C THR A 155 -5.28 19.34 -1.27
N HIS A 156 -6.58 19.55 -1.39
CA HIS A 156 -7.50 18.47 -1.59
C HIS A 156 -7.10 17.58 -2.78
N GLN A 157 -6.60 18.19 -3.85
CA GLN A 157 -6.20 17.41 -5.01
C GLN A 157 -4.93 16.57 -4.77
N THR A 158 -4.01 17.07 -3.95
CA THR A 158 -2.83 16.27 -3.62
C THR A 158 -3.27 15.01 -2.89
N TYR A 159 -4.17 15.18 -1.92
CA TYR A 159 -4.66 14.03 -1.18
C TYR A 159 -5.47 13.10 -2.06
N ASP A 160 -6.20 13.66 -2.99
CA ASP A 160 -7.02 12.82 -3.85
C ASP A 160 -6.14 11.97 -4.76
N VAL A 161 -5.14 12.57 -5.37
CA VAL A 161 -4.25 11.80 -6.24
C VAL A 161 -3.52 10.69 -5.46
N ALA A 162 -3.05 11.02 -4.27
CA ALA A 162 -2.32 10.06 -3.44
C ALA A 162 -3.23 8.93 -3.01
N ARG A 163 -4.47 9.28 -2.68
CA ARG A 163 -5.46 8.32 -2.25
C ARG A 163 -5.79 7.35 -3.39
N ARG A 164 -6.03 7.89 -4.57
CA ARG A 164 -6.28 7.07 -5.74
C ARG A 164 -5.11 6.17 -6.10
N LEU A 165 -3.89 6.69 -6.00
CA LEU A 165 -2.74 5.85 -6.26
C LEU A 165 -2.67 4.69 -5.27
N GLY A 166 -2.82 4.99 -3.97
CA GLY A 166 -2.81 3.97 -2.95
C GLY A 166 -3.82 2.89 -3.29
N GLU A 167 -5.03 3.31 -3.63
CA GLU A 167 -6.11 2.37 -3.92
C GLU A 167 -5.85 1.49 -5.15
N SER A 168 -5.21 2.06 -6.18
CA SER A 168 -4.89 1.31 -7.38
C SER A 168 -3.82 0.28 -7.06
N LEU A 169 -2.85 0.69 -6.27
CA LEU A 169 -1.78 -0.21 -5.87
C LEU A 169 -2.37 -1.39 -5.13
N GLN A 170 -3.30 -1.13 -4.23
CA GLN A 170 -3.97 -2.22 -3.53
C GLN A 170 -4.70 -3.16 -4.50
N LEU A 171 -5.37 -2.57 -5.48
CA LEU A 171 -6.13 -3.38 -6.42
C LEU A 171 -5.18 -4.28 -7.21
N ILE A 172 -4.05 -3.71 -7.62
CA ILE A 172 -3.03 -4.46 -8.34
C ILE A 172 -2.53 -5.60 -7.47
N ASN A 173 -2.26 -5.28 -6.21
CA ASN A 173 -1.88 -6.28 -5.24
C ASN A 173 -2.90 -7.44 -5.16
N ILE A 174 -4.17 -7.11 -5.08
CA ILE A 174 -5.21 -8.13 -5.06
C ILE A 174 -5.15 -9.02 -6.30
N LEU A 175 -4.90 -8.40 -7.45
CA LEU A 175 -4.87 -9.08 -8.75
C LEU A 175 -3.66 -10.00 -8.87
N ARG A 176 -2.58 -9.64 -8.18
CA ARG A 176 -1.41 -10.49 -8.09
C ARG A 176 -1.66 -11.67 -7.18
N ASP A 177 -2.52 -11.50 -6.17
CA ASP A 177 -2.54 -12.41 -5.04
C ASP A 177 -3.78 -13.30 -4.94
N VAL A 178 -4.56 -13.40 -6.01
CA VAL A 178 -5.80 -14.17 -5.94
C VAL A 178 -5.54 -15.55 -5.33
N GLY A 179 -4.54 -16.26 -5.83
CA GLY A 179 -4.20 -17.57 -5.30
C GLY A 179 -3.85 -17.61 -3.82
N GLU A 180 -2.83 -16.85 -3.42
CA GLU A 180 -2.40 -16.91 -2.03
C GLU A 180 -3.49 -16.44 -1.08
N ASP A 181 -4.27 -15.45 -1.50
CA ASP A 181 -5.37 -14.95 -0.68
C ASP A 181 -6.41 -16.03 -0.52
N PHE A 182 -6.77 -16.71 -1.61
CA PHE A 182 -7.68 -17.83 -1.49
C PHE A 182 -7.16 -18.88 -0.50
N GLU A 183 -5.90 -19.26 -0.57
CA GLU A 183 -5.36 -20.23 0.39
C GLU A 183 -5.54 -19.75 1.85
N ASN A 184 -5.51 -18.44 2.05
CA ASN A 184 -5.64 -17.89 3.38
C ASN A 184 -7.08 -17.48 3.60
N GLU A 185 -7.96 -18.11 2.82
CA GLU A 185 -9.40 -17.99 3.02
C GLU A 185 -9.94 -16.58 2.77
N ARG A 186 -9.35 -15.90 1.79
CA ARG A 186 -9.79 -14.55 1.45
C ARG A 186 -10.05 -14.44 -0.05
N ILE A 187 -11.20 -13.92 -0.41
CA ILE A 187 -11.48 -13.56 -1.79
C ILE A 187 -11.86 -12.09 -1.81
N TYR A 188 -11.15 -11.28 -2.58
CA TYR A 188 -11.41 -9.85 -2.57
C TYR A 188 -12.29 -9.37 -3.69
N PHE A 189 -12.46 -10.18 -4.73
CA PHE A 189 -13.41 -9.84 -5.78
C PHE A 189 -14.82 -9.79 -5.19
N SER A 190 -15.67 -8.92 -5.71
CA SER A 190 -17.02 -8.77 -5.12
C SER A 190 -17.95 -9.85 -5.62
N LYS A 191 -18.99 -10.14 -4.84
CA LYS A 191 -19.97 -11.15 -5.23
C LYS A 191 -20.68 -10.71 -6.51
N GLN A 192 -21.12 -9.45 -6.52
CA GLN A 192 -21.72 -8.85 -7.71
C GLN A 192 -20.92 -9.20 -8.96
N ARG A 193 -19.63 -8.94 -8.93
CA ARG A 193 -18.79 -9.13 -10.11
C ARG A 193 -18.48 -10.61 -10.39
N LEU A 194 -18.30 -11.39 -9.33
CA LEU A 194 -18.07 -12.84 -9.43
C LEU A 194 -19.23 -13.57 -10.06
N LYS A 195 -20.44 -13.23 -9.61
CA LYS A 195 -21.67 -13.86 -10.08
C LYS A 195 -21.96 -13.43 -11.50
N GLN A 196 -21.74 -12.14 -11.79
CA GLN A 196 -21.87 -11.62 -13.13
C GLN A 196 -21.00 -12.34 -14.15
N TYR A 197 -19.74 -12.60 -13.77
CA TYR A 197 -18.80 -13.22 -14.68
C TYR A 197 -18.83 -14.74 -14.59
N GLU A 198 -19.67 -15.27 -13.70
CA GLU A 198 -19.76 -16.71 -13.50
C GLU A 198 -18.41 -17.33 -13.13
N VAL A 199 -17.86 -16.89 -12.00
CA VAL A 199 -16.60 -17.41 -11.51
C VAL A 199 -16.76 -17.91 -10.08
N ASP A 200 -16.21 -19.09 -9.81
CA ASP A 200 -16.06 -19.60 -8.44
C ASP A 200 -14.57 -19.72 -8.20
N ILE A 201 -14.03 -18.88 -7.31
CA ILE A 201 -12.59 -18.86 -7.08
C ILE A 201 -12.05 -20.23 -6.64
N ALA A 202 -12.78 -20.93 -5.78
CA ALA A 202 -12.38 -22.28 -5.39
C ALA A 202 -12.23 -23.18 -6.61
N GLU A 203 -13.21 -23.12 -7.51
CA GLU A 203 -13.23 -23.94 -8.72
C GLU A 203 -12.03 -23.64 -9.62
N VAL A 204 -11.75 -22.36 -9.84
CA VAL A 204 -10.60 -21.95 -10.66
C VAL A 204 -9.30 -22.37 -9.97
N TYR A 205 -9.25 -22.23 -8.66
CA TYR A 205 -8.09 -22.67 -7.91
C TYR A 205 -7.82 -24.18 -8.11
N GLN A 206 -8.87 -24.98 -8.11
CA GLN A 206 -8.69 -26.43 -8.32
C GLN A 206 -8.45 -26.79 -9.79
N ASN A 207 -9.12 -26.10 -10.71
CA ASN A 207 -9.12 -26.54 -12.11
C ASN A 207 -8.34 -25.69 -13.09
N GLY A 208 -7.82 -24.55 -12.65
CA GLY A 208 -7.10 -23.68 -13.56
C GLY A 208 -7.99 -22.58 -14.11
N VAL A 209 -7.37 -21.64 -14.83
CA VAL A 209 -8.11 -20.49 -15.34
C VAL A 209 -9.00 -20.90 -16.48
N ASN A 210 -10.04 -20.11 -16.71
CA ASN A 210 -10.87 -20.27 -17.89
C ASN A 210 -11.13 -18.88 -18.42
N ASN A 211 -11.99 -18.76 -19.42
CA ASN A 211 -12.24 -17.47 -20.04
C ASN A 211 -13.10 -16.55 -19.19
N HIS A 212 -13.96 -17.13 -18.35
CA HIS A 212 -14.74 -16.32 -17.43
C HIS A 212 -13.81 -15.60 -16.47
N TYR A 213 -12.88 -16.36 -15.88
CA TYR A 213 -12.00 -15.81 -14.87
C TYR A 213 -11.13 -14.72 -15.47
N ILE A 214 -10.53 -15.03 -16.61
CA ILE A 214 -9.63 -14.09 -17.24
C ILE A 214 -10.37 -12.80 -17.52
N ASP A 215 -11.62 -12.91 -17.96
CA ASP A 215 -12.44 -11.72 -18.21
C ASP A 215 -12.67 -10.92 -16.93
N LEU A 216 -12.97 -11.61 -15.83
CA LEU A 216 -13.18 -10.92 -14.56
C LEU A 216 -11.89 -10.28 -14.07
N TRP A 217 -10.78 -11.00 -14.21
CA TRP A 217 -9.48 -10.44 -13.86
C TRP A 217 -9.23 -9.15 -14.67
N GLU A 218 -9.45 -9.24 -15.97
CA GLU A 218 -9.16 -8.12 -16.86
C GLU A 218 -10.07 -6.94 -16.60
N TYR A 219 -11.29 -7.21 -16.12
CA TYR A 219 -12.21 -6.15 -15.73
C TYR A 219 -11.58 -5.31 -14.61
N TYR A 220 -11.11 -5.97 -13.56
CA TYR A 220 -10.44 -5.23 -12.50
C TYR A 220 -9.11 -4.62 -12.94
N ALA A 221 -8.33 -5.33 -13.75
CA ALA A 221 -7.07 -4.77 -14.24
C ALA A 221 -7.30 -3.51 -15.06
N ALA A 222 -8.40 -3.49 -15.81
CA ALA A 222 -8.76 -2.30 -16.56
C ALA A 222 -8.97 -1.10 -15.64
N ILE A 223 -9.70 -1.33 -14.55
CA ILE A 223 -9.95 -0.30 -13.56
C ILE A 223 -8.64 0.20 -12.96
N ALA A 224 -7.81 -0.71 -12.50
CA ALA A 224 -6.49 -0.33 -11.97
C ALA A 224 -5.69 0.51 -12.97
N GLU A 225 -5.59 0.06 -14.22
CA GLU A 225 -4.74 0.76 -15.20
C GLU A 225 -5.24 2.17 -15.51
N LYS A 226 -6.56 2.32 -15.63
CA LYS A 226 -7.17 3.63 -15.85
C LYS A 226 -6.92 4.57 -14.68
N ASP A 227 -7.03 4.07 -13.47
CA ASP A 227 -6.73 4.91 -12.30
C ASP A 227 -5.25 5.33 -12.32
N PHE A 228 -4.37 4.40 -12.68
CA PHE A 228 -2.94 4.69 -12.85
C PHE A 228 -2.73 5.84 -13.83
N ARG A 229 -3.34 5.76 -15.02
CA ARG A 229 -3.19 6.82 -15.99
C ARG A 229 -3.67 8.18 -15.47
N ASP A 230 -4.79 8.21 -14.74
CA ASP A 230 -5.29 9.47 -14.18
C ASP A 230 -4.35 10.00 -13.09
N VAL A 231 -3.79 9.12 -12.28
CA VAL A 231 -2.76 9.54 -11.33
C VAL A 231 -1.55 10.14 -12.05
N MET A 232 -1.05 9.45 -13.08
CA MET A 232 0.09 9.96 -13.83
C MET A 232 -0.20 11.33 -14.43
N ASP A 233 -1.42 11.52 -14.89
CA ASP A 233 -1.81 12.80 -15.47
C ASP A 233 -1.68 13.92 -14.46
N GLN A 234 -1.75 13.57 -13.17
CA GLN A 234 -1.70 14.56 -12.10
C GLN A 234 -0.43 14.48 -11.25
N ILE A 235 0.64 13.94 -11.83
CA ILE A 235 1.88 13.68 -11.10
C ILE A 235 2.45 14.96 -10.48
N LYS A 236 2.10 16.10 -11.07
CA LYS A 236 2.74 17.35 -10.68
C LYS A 236 2.20 17.97 -9.39
N VAL A 237 1.17 17.36 -8.80
CA VAL A 237 0.76 17.75 -7.46
C VAL A 237 1.86 17.42 -6.45
N PHE A 238 2.77 16.53 -6.82
CA PHE A 238 3.82 16.10 -5.92
C PHE A 238 5.10 16.92 -6.10
N SER A 239 5.98 16.88 -5.10
CA SER A 239 7.23 17.64 -5.19
C SER A 239 8.07 17.12 -6.36
N ILE A 240 8.84 18.01 -6.98
CA ILE A 240 9.60 17.64 -8.18
C ILE A 240 10.53 16.46 -7.90
N GLU A 241 11.09 16.41 -6.71
CA GLU A 241 12.00 15.34 -6.34
C GLU A 241 11.26 14.01 -6.20
N ALA A 242 10.00 14.06 -5.78
CA ALA A 242 9.23 12.84 -5.53
C ALA A 242 8.50 12.34 -6.78
N GLN A 243 8.34 13.20 -7.77
CA GLN A 243 7.59 12.81 -8.97
C GLN A 243 8.12 11.57 -9.69
N PRO A 244 9.42 11.55 -10.06
CA PRO A 244 9.89 10.38 -10.82
C PRO A 244 9.86 9.11 -9.98
N ILE A 245 9.96 9.29 -8.67
CA ILE A 245 10.02 8.20 -7.73
C ILE A 245 8.64 7.61 -7.56
N ILE A 246 7.66 8.47 -7.41
CA ILE A 246 6.27 8.04 -7.32
C ILE A 246 5.86 7.37 -8.63
N GLU A 247 6.21 7.99 -9.76
CA GLU A 247 5.97 7.38 -11.05
C GLU A 247 6.61 6.00 -11.16
N LEU A 248 7.87 5.91 -10.73
CA LEU A 248 8.59 4.66 -10.73
C LEU A 248 7.86 3.58 -9.91
N ALA A 249 7.51 3.91 -8.66
CA ALA A 249 6.80 2.98 -7.79
C ALA A 249 5.54 2.47 -8.47
N ALA A 250 4.79 3.39 -9.07
CA ALA A 250 3.58 3.03 -9.78
C ALA A 250 3.87 2.11 -10.95
N ARG A 251 4.84 2.50 -11.78
CA ARG A 251 5.16 1.73 -12.98
C ARG A 251 5.65 0.32 -12.65
N ILE A 252 6.52 0.23 -11.67
CA ILE A 252 6.98 -1.07 -11.22
C ILE A 252 5.74 -1.86 -10.83
N TYR A 253 4.85 -1.22 -10.09
CA TYR A 253 3.71 -1.96 -9.57
C TYR A 253 2.72 -2.38 -10.64
N ILE A 254 2.54 -1.54 -11.66
CA ILE A 254 1.64 -1.90 -12.73
C ILE A 254 2.25 -2.96 -13.67
N GLU A 255 3.58 -3.02 -13.73
CA GLU A 255 4.27 -4.07 -14.49
C GLU A 255 3.85 -5.45 -13.94
N ILE A 256 3.49 -5.49 -12.68
CA ILE A 256 3.02 -6.72 -12.06
C ILE A 256 1.86 -7.31 -12.85
N LEU A 257 1.04 -6.45 -13.44
CA LEU A 257 -0.13 -6.93 -14.18
C LEU A 257 0.34 -7.80 -15.35
N ASP A 258 1.38 -7.35 -16.05
CA ASP A 258 1.89 -8.10 -17.20
C ASP A 258 2.55 -9.40 -16.79
N GLU A 259 3.24 -9.39 -15.66
CA GLU A 259 3.77 -10.61 -15.09
C GLU A 259 2.65 -11.61 -14.83
N VAL A 260 1.53 -11.14 -14.28
CA VAL A 260 0.39 -12.01 -14.09
C VAL A 260 -0.06 -12.58 -15.44
N ARG A 261 -0.17 -11.73 -16.45
CA ARG A 261 -0.58 -12.19 -17.77
C ARG A 261 0.41 -13.19 -18.37
N GLN A 262 1.70 -12.89 -18.23
CA GLN A 262 2.74 -13.75 -18.78
C GLN A 262 2.77 -15.11 -18.08
N ALA A 263 2.39 -15.14 -16.80
CA ALA A 263 2.28 -16.38 -16.03
C ALA A 263 0.90 -17.02 -16.21
N ASN A 264 0.15 -16.51 -17.17
CA ASN A 264 -1.19 -17.02 -17.46
C ASN A 264 -2.12 -17.01 -16.25
N TYR A 265 -2.02 -15.95 -15.45
CA TYR A 265 -2.99 -15.70 -14.38
C TYR A 265 -2.94 -16.78 -13.31
N THR A 266 -1.85 -17.52 -13.24
CA THR A 266 -1.71 -18.63 -12.28
C THR A 266 -2.17 -18.26 -10.88
N LEU A 267 -2.88 -19.17 -10.23
CA LEU A 267 -3.29 -18.97 -8.85
C LEU A 267 -2.35 -19.67 -7.89
N HIS A 268 -1.20 -20.13 -8.37
CA HIS A 268 -0.36 -20.99 -7.53
C HIS A 268 1.08 -20.51 -7.32
N GLU A 269 1.35 -19.27 -7.73
CA GLU A 269 2.58 -18.63 -7.30
C GLU A 269 2.44 -17.11 -7.31
N ARG A 270 3.31 -16.43 -6.56
CA ARG A 270 3.36 -14.99 -6.59
C ARG A 270 4.30 -14.57 -7.71
N VAL A 271 3.78 -13.89 -8.72
CA VAL A 271 4.66 -13.36 -9.77
C VAL A 271 5.34 -12.10 -9.25
N PHE A 272 6.36 -11.65 -9.98
CA PHE A 272 7.15 -10.50 -9.52
C PHE A 272 7.90 -9.84 -10.67
N VAL A 273 8.38 -8.63 -10.42
CA VAL A 273 9.17 -7.90 -11.39
C VAL A 273 10.63 -7.96 -10.97
N GLU A 274 11.44 -8.64 -11.77
CA GLU A 274 12.88 -8.76 -11.52
C GLU A 274 13.52 -7.44 -11.13
N LYS A 275 14.53 -7.48 -10.26
CA LYS A 275 15.24 -6.26 -9.89
C LYS A 275 15.79 -5.51 -11.13
N ARG A 276 16.28 -6.26 -12.10
CA ARG A 276 16.92 -5.66 -13.25
C ARG A 276 15.89 -4.93 -14.11
N LYS A 277 14.67 -5.48 -14.14
CA LYS A 277 13.57 -4.85 -14.87
C LYS A 277 13.09 -3.57 -14.18
N LYS A 278 13.17 -3.53 -12.85
CA LYS A 278 12.88 -2.29 -12.12
C LYS A 278 13.88 -1.20 -12.53
N ALA A 279 15.15 -1.57 -12.69
CA ALA A 279 16.15 -0.58 -13.06
C ALA A 279 15.87 -0.07 -14.48
N LYS A 280 15.45 -0.98 -15.36
CA LYS A 280 15.12 -0.59 -16.73
C LYS A 280 13.99 0.42 -16.73
N LEU A 281 12.95 0.16 -15.94
CA LEU A 281 11.79 1.05 -15.91
C LEU A 281 12.21 2.44 -15.47
N PHE A 282 13.06 2.51 -14.46
CA PHE A 282 13.54 3.77 -13.94
C PHE A 282 14.31 4.53 -15.01
N HIS A 283 15.17 3.81 -15.72
CA HIS A 283 15.90 4.43 -16.82
C HIS A 283 14.92 5.03 -17.81
N GLU A 284 13.86 4.28 -18.12
CA GLU A 284 12.85 4.72 -19.07
C GLU A 284 12.23 6.02 -18.61
N ILE A 285 11.97 6.10 -17.31
CA ILE A 285 11.22 7.20 -16.74
C ILE A 285 12.01 8.50 -16.77
N ASN A 286 13.32 8.41 -16.56
CA ASN A 286 14.19 9.59 -16.56
C ASN A 286 14.51 10.12 -17.97
N SER A 287 14.36 9.27 -18.98
CA SER A 287 14.48 9.71 -20.37
C SER A 287 13.32 10.65 -20.72
N LYS A 288 12.74 11.29 -19.70
CA LYS A 288 11.68 12.27 -19.89
C LYS A 288 11.69 13.28 -18.74
N TYR A 289 12.37 12.94 -17.64
CA TYR A 289 12.58 13.86 -16.53
C TYR A 289 13.91 14.59 -16.66
CAA ZYL B . 1.68 9.56 -2.75
OAB ZYL B . 0.43 -6.58 1.69
OAC ZYL B . -1.40 -3.58 -0.12
OAD ZYL B . -1.53 -5.81 1.01
OAE ZYL B . 2.38 -6.28 0.01
CAF ZYL B . -0.80 0.55 1.07
CAG ZYL B . -0.92 -0.55 0.21
CAH ZYL B . 0.02 1.61 0.71
CAI ZYL B . 2.33 -4.33 -1.36
CAJ ZYL B . 1.66 -3.22 -1.84
CAK ZYL B . 0.59 0.49 -1.34
CAL ZYL B . 1.93 8.25 -2.02
CAM ZYL B . 1.75 7.05 -2.96
CAN ZYL B . 0.83 6.00 -2.35
CAO ZYL B . 1.62 4.78 -1.90
CAP ZYL B . 0.70 3.74 -1.27
CAQ ZYL B . -0.37 -1.76 -1.93
OAR ZYL B . 1.51 2.63 -0.84
CAS ZYL B . -0.29 -5.84 0.98
CAT ZYL B . -0.23 -0.57 -0.98
CAU ZYL B . 0.70 1.59 -0.49
CAV ZYL B . 1.71 -5.18 -0.45
CAW ZYL B . 0.42 -4.93 -0.02
CAX ZYL B . -0.26 -3.80 -0.50
NAY ZYL B . 0.36 -2.95 -1.41
MG MG C . -1.99 -9.23 -1.25
MG MG D . -2.16 -2.81 2.49
MG MG E . 3.91 -5.76 -2.10
O1 TAR F . 6.37 -5.30 -3.33
O11 TAR F . 7.81 -6.42 -4.52
C1 TAR F . 6.95 -6.39 -3.59
C2 TAR F . 6.60 -7.61 -2.80
O2 TAR F . 5.38 -8.11 -3.17
C3 TAR F . 7.65 -8.67 -2.93
O3 TAR F . 7.14 -9.88 -2.51
C4 TAR F . 8.75 -8.26 -2.02
O4 TAR F . 8.68 -7.12 -1.51
O41 TAR F . 9.71 -9.02 -1.74
#